data_4BTA
#
_entry.id   4BTA
#
_cell.length_a   234.660
_cell.length_b   47.850
_cell.length_c   60.290
_cell.angle_alpha   90.00
_cell.angle_beta   90.00
_cell.angle_gamma   90.00
#
_symmetry.space_group_name_H-M   'P 21 21 2'
#
loop_
_entity.id
_entity.type
_entity.pdbx_description
1 polymer 'PROLYL 4-HYDROXYLASE SUBUNIT ALPHA-1'
2 polymer 'PROLINE RICH PEPTIDE'
#
loop_
_entity_poly.entity_id
_entity_poly.type
_entity_poly.pdbx_seq_one_letter_code
_entity_poly.pdbx_strand_id
1 'polypeptide(L)'
;MHHHHHHHPGFFTSIGQMTDLIHTEKDLVTSLKDYIKAEEDKLEQIKKWAEKLDRLTSTATKDPEGFVGHPVNAFKLMKR
LNTEWSELENLVLKDMSDGFISNLTIQRQYFPNDEDQVGAAKALLRLQDTYNLDTDTISKGNLPGVKHKSFLTAEDCFEL
GKVAYTEADYYHTELWMEQALRQLDEGEISTIDKVSVLDYLSYAVYQQGDLDKALLLTKKLLELDPEHQRANGNLKYFEY
IMAKEKDVNKS
;
A,B
2 'polypeptide(L)' PPGPPGPPG C
#
# COMPACT_ATOMS: atom_id res chain seq x y z
N GLY A 10 -17.32 -33.67 -14.03
CA GLY A 10 -17.05 -34.75 -13.08
C GLY A 10 -17.44 -34.24 -11.70
N PHE A 11 -18.20 -35.01 -10.91
CA PHE A 11 -18.55 -34.47 -9.60
C PHE A 11 -17.34 -34.42 -8.66
N PHE A 12 -16.53 -35.48 -8.67
CA PHE A 12 -15.41 -35.60 -7.74
C PHE A 12 -14.20 -34.84 -8.27
N THR A 13 -14.33 -34.34 -9.48
CA THR A 13 -13.21 -33.63 -10.03
C THR A 13 -13.55 -32.17 -9.83
N SER A 14 -14.81 -31.92 -9.52
CA SER A 14 -15.24 -30.59 -9.16
C SER A 14 -14.70 -30.29 -7.79
N ILE A 15 -14.89 -31.27 -6.88
CA ILE A 15 -14.36 -31.12 -5.54
C ILE A 15 -12.82 -31.09 -5.55
N GLY A 16 -12.19 -31.91 -6.39
CA GLY A 16 -10.75 -31.90 -6.41
C GLY A 16 -10.23 -30.57 -6.90
N GLN A 17 -10.93 -30.00 -7.88
CA GLN A 17 -10.55 -28.68 -8.35
C GLN A 17 -10.73 -27.60 -7.28
N MET A 18 -11.86 -27.60 -6.55
CA MET A 18 -12.02 -26.59 -5.49
C MET A 18 -10.96 -26.84 -4.42
N THR A 19 -10.72 -28.09 -4.00
CA THR A 19 -9.72 -28.32 -2.96
C THR A 19 -8.34 -27.74 -3.38
N ASP A 20 -7.96 -27.95 -4.63
CA ASP A 20 -6.68 -27.43 -5.14
C ASP A 20 -6.73 -25.89 -5.07
N LEU A 21 -7.89 -25.33 -5.39
CA LEU A 21 -8.07 -23.89 -5.44
C LEU A 21 -7.87 -23.38 -4.01
N ILE A 22 -8.34 -24.12 -3.02
CA ILE A 22 -8.15 -23.70 -1.63
C ILE A 22 -6.69 -23.63 -1.18
N HIS A 23 -5.93 -24.64 -1.57
CA HIS A 23 -4.52 -24.64 -1.30
C HIS A 23 -3.83 -23.48 -2.02
N THR A 24 -4.24 -23.22 -3.25
CA THR A 24 -3.69 -22.07 -3.96
C THR A 24 -4.04 -20.75 -3.26
N GLU A 25 -5.29 -20.62 -2.85
CA GLU A 25 -5.71 -19.41 -2.16
C GLU A 25 -4.97 -19.26 -0.81
N LYS A 26 -4.77 -20.34 -0.03
CA LYS A 26 -3.99 -20.19 1.20
C LYS A 26 -2.59 -19.65 0.91
N ASP A 27 -1.96 -20.19 -0.12
CA ASP A 27 -0.64 -19.72 -0.45
C ASP A 27 -0.68 -18.25 -0.89
N LEU A 28 -1.75 -17.82 -1.52
CA LEU A 28 -1.81 -16.41 -1.91
C LEU A 28 -1.84 -15.53 -0.67
N VAL A 29 -2.47 -16.03 0.38
CA VAL A 29 -2.50 -15.36 1.65
C VAL A 29 -1.12 -15.23 2.30
N THR A 30 -0.33 -16.30 2.28
CA THR A 30 1.04 -16.19 2.75
C THR A 30 1.85 -15.14 1.96
N SER A 31 1.69 -15.17 0.66
CA SER A 31 2.37 -14.18 -0.15
C SER A 31 1.85 -12.80 0.19
N LEU A 32 0.54 -12.70 0.41
CA LEU A 32 0.01 -11.41 0.80
C LEU A 32 0.54 -10.95 2.19
N LYS A 33 0.62 -11.87 3.17
CA LYS A 33 1.13 -11.47 4.49
C LYS A 33 2.59 -11.03 4.46
N ASP A 34 3.40 -11.66 3.62
CA ASP A 34 4.77 -11.22 3.49
C ASP A 34 4.85 -9.84 2.84
N TYR A 35 3.98 -9.58 1.86
CA TYR A 35 3.88 -8.22 1.32
C TYR A 35 3.53 -7.19 2.36
N ILE A 36 2.53 -7.47 3.17
CA ILE A 36 2.12 -6.56 4.23
C ILE A 36 3.29 -6.29 5.17
N LYS A 37 4.00 -7.34 5.56
CA LYS A 37 5.18 -7.24 6.40
C LYS A 37 6.23 -6.31 5.78
N ALA A 38 6.46 -6.43 4.49
CA ALA A 38 7.39 -5.55 3.79
C ALA A 38 6.95 -4.07 3.78
N GLU A 39 5.66 -3.81 3.56
CA GLU A 39 5.17 -2.43 3.62
C GLU A 39 5.28 -1.83 5.00
N GLU A 40 4.97 -2.62 6.01
CA GLU A 40 5.08 -2.12 7.35
C GLU A 40 6.51 -1.75 7.68
N ASP A 41 7.49 -2.50 7.17
CA ASP A 41 8.85 -2.15 7.53
C ASP A 41 9.30 -0.88 6.85
N LYS A 42 8.92 -0.72 5.58
CA LYS A 42 9.26 0.51 4.86
C LYS A 42 8.53 1.68 5.49
N LEU A 43 7.27 1.46 5.83
CA LEU A 43 6.51 2.57 6.36
C LEU A 43 7.03 3.02 7.75
N GLU A 44 7.44 2.06 8.54
CA GLU A 44 7.98 2.38 9.83
C GLU A 44 9.30 3.20 9.72
N GLN A 45 10.17 2.81 8.79
CA GLN A 45 11.43 3.53 8.47
C GLN A 45 11.13 4.97 8.04
N ILE A 46 10.15 5.11 7.17
CA ILE A 46 9.75 6.40 6.62
C ILE A 46 9.12 7.21 7.72
N LYS A 47 8.34 6.53 8.58
CA LYS A 47 7.74 7.21 9.69
C LYS A 47 8.77 7.77 10.66
N LYS A 48 9.79 6.97 10.97
CA LYS A 48 10.87 7.43 11.83
C LYS A 48 11.58 8.60 11.18
N TRP A 49 11.83 8.43 9.88
CA TRP A 49 12.50 9.46 9.13
C TRP A 49 11.72 10.76 9.11
N ALA A 50 10.41 10.71 8.87
CA ALA A 50 9.61 11.94 8.88
C ALA A 50 9.65 12.63 10.26
N GLU A 51 9.53 11.86 11.33
CA GLU A 51 9.52 12.43 12.66
C GLU A 51 10.86 13.17 12.91
N LYS A 52 11.94 12.56 12.45
CA LYS A 52 13.25 13.12 12.64
C LYS A 52 13.26 14.45 11.89
N LEU A 53 12.71 14.45 10.69
CA LEU A 53 12.61 15.68 9.87
C LEU A 53 11.65 16.66 10.59
N ASP A 54 10.61 16.18 11.26
CA ASP A 54 9.77 17.13 11.99
C ASP A 54 10.58 17.90 13.06
N ARG A 55 11.40 17.17 13.80
CA ARG A 55 12.26 17.79 14.79
C ARG A 55 13.19 18.82 14.19
N LEU A 56 13.87 18.50 13.09
CA LEU A 56 14.83 19.42 12.48
C LEU A 56 14.12 20.72 12.07
N THR A 57 12.95 20.61 11.43
CA THR A 57 12.17 21.76 10.98
C THR A 57 11.42 22.57 12.03
N SER A 58 10.87 21.92 13.05
CA SER A 58 10.22 22.71 14.08
C SER A 58 11.19 23.63 14.82
N THR A 59 12.37 23.09 15.13
CA THR A 59 13.42 23.83 15.84
C THR A 59 14.05 24.96 15.01
N ALA A 60 14.07 24.75 13.69
CA ALA A 60 14.57 25.70 12.70
C ALA A 60 13.62 26.88 12.58
N THR A 61 12.34 26.58 12.49
CA THR A 61 11.30 27.57 12.28
C THR A 61 11.13 28.48 13.50
N LYS A 62 11.67 28.13 14.67
CA LYS A 62 11.42 29.04 15.78
C LYS A 62 12.43 30.18 15.82
N ASP A 63 13.48 30.09 15.01
CA ASP A 63 14.44 31.18 14.81
C ASP A 63 15.13 30.96 13.46
N PRO A 64 14.41 31.13 12.33
CA PRO A 64 15.01 30.75 11.04
C PRO A 64 16.24 31.55 10.62
N GLU A 65 16.26 32.86 10.87
CA GLU A 65 17.41 33.68 10.51
C GLU A 65 18.70 33.47 11.29
N GLY A 66 18.63 33.31 12.61
CA GLY A 66 19.83 33.01 13.35
C GLY A 66 20.37 31.66 12.98
N PHE A 67 19.46 30.73 12.69
CA PHE A 67 19.82 29.36 12.31
C PHE A 67 20.58 29.33 11.01
N VAL A 68 20.02 29.94 9.97
CA VAL A 68 20.60 29.91 8.63
C VAL A 68 21.92 30.66 8.43
N GLY A 69 22.26 31.62 9.29
CA GLY A 69 23.50 32.34 9.03
C GLY A 69 24.73 31.49 9.32
N HIS A 70 24.85 30.84 10.49
CA HIS A 70 26.04 30.01 10.74
C HIS A 70 26.22 28.99 9.62
N PRO A 71 27.35 29.03 8.93
CA PRO A 71 27.29 28.26 7.69
C PRO A 71 27.26 26.74 7.88
N VAL A 72 27.71 26.22 9.02
CA VAL A 72 27.60 24.79 9.19
C VAL A 72 26.19 24.23 9.09
N ASN A 73 25.23 25.03 9.50
CA ASN A 73 23.81 24.66 9.56
C ASN A 73 23.26 24.69 8.13
N ALA A 74 23.67 25.75 7.41
CA ALA A 74 23.32 26.00 6.01
C ALA A 74 23.84 24.84 5.21
N PHE A 75 25.04 24.39 5.53
CA PHE A 75 25.66 23.26 4.86
C PHE A 75 24.71 22.09 5.11
N LYS A 76 24.28 21.95 6.35
CA LYS A 76 23.39 20.86 6.67
C LYS A 76 22.07 21.01 5.92
N LEU A 77 21.62 22.25 5.71
CA LEU A 77 20.36 22.49 5.04
C LEU A 77 20.48 22.14 3.58
N MET A 78 21.60 22.52 2.97
CA MET A 78 21.83 22.19 1.58
C MET A 78 21.87 20.69 1.35
N LYS A 79 22.57 19.98 2.21
CA LYS A 79 22.73 18.55 2.05
C LYS A 79 21.43 17.81 2.21
N ARG A 80 20.60 18.20 3.16
CA ARG A 80 19.37 17.45 3.34
C ARG A 80 18.48 17.46 2.10
N LEU A 81 18.24 18.65 1.54
CA LEU A 81 17.39 18.75 0.35
C LEU A 81 18.07 18.15 -0.86
N ASN A 82 19.37 18.36 -0.99
CA ASN A 82 20.02 17.85 -2.18
C ASN A 82 20.16 16.34 -2.12
N THR A 83 20.38 15.82 -0.92
CA THR A 83 20.76 14.43 -0.80
C THR A 83 19.78 13.62 0.06
N GLU A 84 19.50 14.06 1.29
CA GLU A 84 18.67 13.21 2.11
C GLU A 84 17.23 13.05 1.56
N TRP A 85 16.63 14.13 1.05
CA TRP A 85 15.25 14.03 0.53
C TRP A 85 15.17 13.15 -0.72
N SER A 86 16.24 13.05 -1.48
CA SER A 86 16.25 12.10 -2.59
C SER A 86 16.30 10.65 -2.12
N GLU A 87 17.06 10.41 -1.06
CA GLU A 87 17.14 9.07 -0.53
C GLU A 87 15.75 8.66 -0.05
N LEU A 88 15.09 9.62 0.59
CA LEU A 88 13.72 9.44 1.04
C LEU A 88 12.73 9.24 -0.14
N GLU A 89 12.84 10.06 -1.15
CA GLU A 89 12.00 9.88 -2.35
C GLU A 89 12.26 8.45 -2.82
N ASN A 90 13.52 8.04 -2.83
CA ASN A 90 13.86 6.68 -3.22
C ASN A 90 13.23 5.58 -2.39
N LEU A 91 13.25 5.80 -1.09
CA LEU A 91 12.63 4.86 -0.20
C LEU A 91 11.13 4.83 -0.39
N VAL A 92 10.54 6.03 -0.48
CA VAL A 92 9.10 6.19 -0.69
C VAL A 92 8.62 5.56 -2.00
N LEU A 93 9.44 5.71 -3.04
CA LEU A 93 9.06 5.19 -4.33
C LEU A 93 9.30 3.70 -4.44
N LYS A 94 9.99 3.11 -3.47
CA LYS A 94 10.33 1.70 -3.61
C LYS A 94 9.05 0.87 -3.50
N ASP A 95 8.77 0.06 -4.51
CA ASP A 95 7.59 -0.82 -4.57
C ASP A 95 7.85 -2.09 -3.79
N MET A 96 6.97 -2.44 -2.86
CA MET A 96 7.24 -3.65 -2.10
C MET A 96 6.37 -4.81 -2.52
N SER A 97 5.53 -4.62 -3.53
CA SER A 97 4.47 -5.56 -3.85
C SER A 97 4.75 -6.53 -4.99
N ASP A 98 5.90 -6.38 -5.64
CA ASP A 98 6.20 -7.15 -6.83
C ASP A 98 6.23 -8.69 -6.64
N GLY A 99 6.75 -9.16 -5.51
CA GLY A 99 6.80 -10.58 -5.19
C GLY A 99 5.40 -11.17 -5.18
N PHE A 100 4.54 -10.52 -4.43
CA PHE A 100 3.16 -10.92 -4.34
C PHE A 100 2.46 -10.83 -5.70
N ILE A 101 2.64 -9.71 -6.40
CA ILE A 101 1.94 -9.53 -7.68
C ILE A 101 2.36 -10.57 -8.74
N SER A 102 3.66 -10.81 -8.83
CA SER A 102 4.15 -11.86 -9.69
C SER A 102 3.53 -13.20 -9.39
N ASN A 103 3.48 -13.51 -8.11
CA ASN A 103 2.92 -14.78 -7.77
C ASN A 103 1.43 -14.85 -8.17
N LEU A 104 0.65 -13.85 -7.75
CA LEU A 104 -0.76 -13.80 -8.12
C LEU A 104 -0.98 -13.84 -9.63
N THR A 105 -0.18 -13.10 -10.37
CA THR A 105 -0.28 -13.06 -11.82
C THR A 105 -0.12 -14.49 -12.33
N ILE A 106 0.84 -15.20 -11.75
CA ILE A 106 1.05 -16.59 -12.12
C ILE A 106 -0.16 -17.43 -11.72
N GLN A 107 -0.69 -17.24 -10.53
CA GLN A 107 -1.80 -18.09 -10.10
C GLN A 107 -3.11 -17.88 -10.83
N ARG A 108 -3.35 -16.70 -11.38
CA ARG A 108 -4.64 -16.48 -12.04
C ARG A 108 -4.93 -17.42 -13.29
N GLN A 109 -3.89 -18.00 -13.89
CA GLN A 109 -4.03 -19.07 -14.90
C GLN A 109 -4.96 -20.17 -14.42
N TYR A 110 -4.87 -20.45 -13.12
CA TYR A 110 -5.58 -21.55 -12.48
C TYR A 110 -6.88 -21.15 -11.80
N PHE A 111 -7.27 -19.89 -11.94
CA PHE A 111 -8.46 -19.40 -11.30
C PHE A 111 -9.64 -19.81 -12.14
N PRO A 112 -10.81 -19.87 -11.50
CA PRO A 112 -12.10 -20.07 -12.14
C PRO A 112 -12.53 -18.81 -12.87
N ASN A 113 -13.52 -18.94 -13.75
CA ASN A 113 -14.03 -17.80 -14.50
C ASN A 113 -15.49 -17.53 -14.14
N ASP A 114 -16.14 -16.71 -14.94
CA ASP A 114 -17.51 -16.27 -14.70
C ASP A 114 -18.43 -17.50 -14.68
N GLU A 115 -18.16 -18.42 -15.59
CA GLU A 115 -18.94 -19.63 -15.77
C GLU A 115 -18.91 -20.54 -14.51
N ASP A 116 -17.78 -20.61 -13.82
CA ASP A 116 -17.69 -21.46 -12.64
C ASP A 116 -18.49 -20.81 -11.53
N GLN A 117 -18.47 -19.49 -11.50
CA GLN A 117 -19.25 -18.77 -10.51
C GLN A 117 -20.77 -18.91 -10.76
N VAL A 118 -21.26 -18.86 -12.00
CA VAL A 118 -22.70 -19.09 -12.15
C VAL A 118 -23.08 -20.54 -11.76
N GLY A 119 -22.24 -21.49 -12.13
CA GLY A 119 -22.45 -22.87 -11.78
C GLY A 119 -22.63 -23.07 -10.30
N ALA A 120 -21.80 -22.41 -9.50
CA ALA A 120 -21.94 -22.63 -8.08
C ALA A 120 -23.23 -22.00 -7.60
N ALA A 121 -23.55 -20.85 -8.18
CA ALA A 121 -24.81 -20.20 -7.89
C ALA A 121 -26.01 -21.06 -8.28
N LYS A 122 -25.96 -21.62 -9.47
CA LYS A 122 -27.06 -22.47 -9.88
C LYS A 122 -27.17 -23.70 -8.97
N ALA A 123 -26.05 -24.25 -8.51
CA ALA A 123 -26.14 -25.40 -7.62
C ALA A 123 -26.84 -24.97 -6.32
N LEU A 124 -26.66 -23.73 -5.90
CA LEU A 124 -27.40 -23.29 -4.74
C LEU A 124 -28.87 -23.22 -5.03
N LEU A 125 -29.19 -22.74 -6.21
CA LEU A 125 -30.60 -22.66 -6.56
C LEU A 125 -31.20 -24.06 -6.66
N ARG A 126 -30.42 -24.98 -7.22
CA ARG A 126 -30.90 -26.32 -7.31
C ARG A 126 -31.10 -27.02 -5.97
N LEU A 127 -30.18 -26.88 -5.02
CA LEU A 127 -30.41 -27.47 -3.69
C LEU A 127 -31.65 -26.81 -3.08
N GLN A 128 -31.79 -25.49 -3.20
CA GLN A 128 -32.99 -24.84 -2.64
C GLN A 128 -34.29 -25.39 -3.21
N ASP A 129 -34.29 -25.57 -4.51
CA ASP A 129 -35.46 -26.10 -5.12
C ASP A 129 -35.61 -27.54 -4.65
N THR A 130 -34.52 -28.30 -4.67
CA THR A 130 -34.52 -29.72 -4.35
C THR A 130 -34.98 -30.03 -2.93
N TYR A 131 -34.59 -29.25 -1.94
CA TYR A 131 -34.94 -29.57 -0.56
C TYR A 131 -36.09 -28.70 -0.03
N ASN A 132 -36.70 -27.91 -0.92
CA ASN A 132 -37.73 -26.91 -0.63
C ASN A 132 -37.43 -25.89 0.48
N LEU A 133 -36.26 -25.29 0.42
CA LEU A 133 -35.85 -24.29 1.42
C LEU A 133 -36.24 -22.85 1.07
N ASP A 134 -36.74 -22.12 2.06
CA ASP A 134 -36.96 -20.69 1.92
C ASP A 134 -35.51 -20.11 1.90
N THR A 135 -35.33 -18.97 1.24
CA THR A 135 -34.01 -18.32 1.17
C THR A 135 -33.42 -17.95 2.52
N ASP A 136 -34.22 -17.61 3.52
CA ASP A 136 -33.63 -17.12 4.81
C ASP A 136 -32.94 -18.32 5.44
N THR A 137 -33.50 -19.53 5.31
CA THR A 137 -32.84 -20.71 5.87
C THR A 137 -31.45 -21.02 5.30
N ILE A 138 -31.32 -20.87 3.99
CA ILE A 138 -30.05 -21.09 3.37
C ILE A 138 -28.99 -20.07 3.79
N SER A 139 -29.42 -18.81 3.78
CA SER A 139 -28.54 -17.69 4.05
C SER A 139 -28.01 -17.77 5.49
N LYS A 140 -28.86 -18.25 6.41
CA LYS A 140 -28.54 -18.31 7.84
C LYS A 140 -27.76 -19.58 8.23
N GLY A 141 -27.47 -20.41 7.25
CA GLY A 141 -26.78 -21.68 7.34
C GLY A 141 -27.46 -22.93 7.91
N ASN A 142 -28.78 -22.86 8.01
CA ASN A 142 -29.55 -23.97 8.52
C ASN A 142 -29.77 -25.05 7.44
N LEU A 143 -28.76 -25.50 6.68
CA LEU A 143 -28.99 -26.62 5.71
C LEU A 143 -29.15 -28.04 6.26
N PRO A 144 -29.78 -28.97 5.48
CA PRO A 144 -30.28 -30.26 6.01
C PRO A 144 -29.12 -30.97 6.64
N GLY A 145 -29.27 -31.40 7.90
CA GLY A 145 -28.21 -31.25 8.89
C GLY A 145 -26.84 -31.16 8.24
N VAL A 146 -26.10 -30.16 8.66
CA VAL A 146 -24.78 -29.93 8.13
C VAL A 146 -24.20 -28.94 9.09
N LYS A 147 -22.96 -29.23 9.40
CA LYS A 147 -22.13 -28.37 10.19
C LYS A 147 -20.76 -28.59 9.56
N HIS A 148 -20.13 -27.49 9.19
CA HIS A 148 -20.46 -26.22 9.85
C HIS A 148 -21.20 -25.16 9.03
N LYS A 149 -22.02 -24.39 9.71
CA LYS A 149 -22.74 -23.25 9.11
C LYS A 149 -21.78 -22.32 8.36
N SER A 150 -22.30 -21.77 7.27
CA SER A 150 -21.61 -20.89 6.30
C SER A 150 -22.66 -19.82 6.01
N PHE A 151 -22.27 -18.57 5.75
CA PHE A 151 -23.32 -17.59 5.38
C PHE A 151 -23.16 -16.62 4.25
N LEU A 152 -24.35 -16.26 3.79
CA LEU A 152 -24.48 -15.37 2.66
C LEU A 152 -24.68 -13.95 3.16
N THR A 153 -23.94 -13.05 2.54
CA THR A 153 -24.11 -11.63 2.76
C THR A 153 -25.28 -11.15 1.92
N ALA A 154 -25.73 -9.93 2.22
CA ALA A 154 -26.79 -9.33 1.43
C ALA A 154 -26.29 -9.26 -0.02
N GLU A 155 -25.00 -8.94 -0.18
CA GLU A 155 -24.40 -8.82 -1.50
C GLU A 155 -24.31 -10.20 -2.22
N ASP A 156 -24.05 -11.28 -1.46
CA ASP A 156 -24.12 -12.65 -2.01
C ASP A 156 -25.53 -12.94 -2.50
N CYS A 157 -26.50 -12.53 -1.70
CA CYS A 157 -27.90 -12.73 -2.05
C CYS A 157 -28.18 -12.01 -3.32
N PHE A 158 -27.69 -10.78 -3.39
CA PHE A 158 -27.85 -9.93 -4.57
C PHE A 158 -27.27 -10.61 -5.83
N GLU A 159 -26.06 -11.15 -5.71
CA GLU A 159 -25.44 -11.86 -6.81
C GLU A 159 -26.28 -13.06 -7.22
N LEU A 160 -26.78 -13.84 -6.27
CA LEU A 160 -27.59 -15.02 -6.65
C LEU A 160 -28.83 -14.53 -7.36
N GLY A 161 -29.38 -13.43 -6.87
CA GLY A 161 -30.54 -12.86 -7.50
C GLY A 161 -30.19 -12.55 -8.95
N LYS A 162 -28.99 -12.00 -9.18
CA LYS A 162 -28.54 -11.63 -10.51
C LYS A 162 -28.25 -12.82 -11.45
N VAL A 163 -27.73 -13.92 -10.92
CA VAL A 163 -27.53 -15.11 -11.76
C VAL A 163 -28.85 -15.64 -12.27
N ALA A 164 -29.82 -15.76 -11.37
CA ALA A 164 -31.15 -16.18 -11.76
C ALA A 164 -31.75 -15.25 -12.82
N TYR A 165 -31.58 -13.95 -12.59
CA TYR A 165 -32.05 -12.94 -13.51
C TYR A 165 -31.57 -13.06 -14.97
N THR A 166 -30.28 -13.29 -15.13
CA THR A 166 -29.68 -13.45 -16.45
C THR A 166 -30.20 -14.64 -17.22
N GLU A 167 -30.72 -15.61 -16.50
CA GLU A 167 -31.32 -16.77 -17.13
C GLU A 167 -32.82 -16.50 -17.32
N ALA A 168 -33.23 -15.26 -17.03
CA ALA A 168 -34.64 -14.91 -17.03
C ALA A 168 -35.51 -15.80 -16.08
N ASP A 169 -34.90 -16.21 -14.96
CA ASP A 169 -35.56 -16.94 -13.85
C ASP A 169 -36.03 -15.96 -12.81
N TYR A 170 -37.21 -15.44 -13.03
CA TYR A 170 -37.67 -14.35 -12.18
C TYR A 170 -38.17 -14.90 -10.84
N TYR A 171 -38.51 -16.19 -10.78
CA TYR A 171 -38.85 -16.84 -9.51
C TYR A 171 -37.71 -16.79 -8.53
N HIS A 172 -36.52 -17.21 -8.94
CA HIS A 172 -35.41 -17.11 -8.04
C HIS A 172 -34.86 -15.71 -7.87
N THR A 173 -34.97 -14.92 -8.94
CA THR A 173 -34.65 -13.52 -8.88
C THR A 173 -35.43 -12.83 -7.78
N GLU A 174 -36.75 -13.03 -7.78
CA GLU A 174 -37.63 -12.44 -6.76
C GLU A 174 -37.18 -12.94 -5.37
N LEU A 175 -36.99 -14.24 -5.26
CA LEU A 175 -36.64 -14.78 -3.97
C LEU A 175 -35.35 -14.24 -3.31
N TRP A 176 -34.28 -14.22 -4.08
CA TRP A 176 -32.99 -13.79 -3.58
C TRP A 176 -32.86 -12.28 -3.36
N MET A 177 -33.52 -11.50 -4.21
CA MET A 177 -33.52 -10.06 -4.00
C MET A 177 -34.26 -9.79 -2.70
N GLU A 178 -35.31 -10.55 -2.44
CA GLU A 178 -35.99 -10.35 -1.20
C GLU A 178 -35.12 -10.70 0.00
N GLN A 179 -34.34 -11.74 -0.17
CA GLN A 179 -33.45 -12.15 0.88
C GLN A 179 -32.38 -11.07 1.15
N ALA A 180 -31.77 -10.56 0.06
CA ALA A 180 -30.84 -9.43 0.14
C ALA A 180 -31.52 -8.24 0.86
N LEU A 181 -32.74 -7.94 0.44
CA LEU A 181 -33.44 -6.82 0.97
C LEU A 181 -33.75 -6.91 2.45
N ARG A 182 -34.18 -8.10 2.81
CA ARG A 182 -34.44 -8.35 4.21
C ARG A 182 -33.19 -8.06 4.99
N GLN A 183 -32.04 -8.57 4.50
CA GLN A 183 -30.82 -8.42 5.29
C GLN A 183 -30.32 -7.00 5.37
N LEU A 184 -30.52 -6.24 4.31
CA LEU A 184 -30.21 -4.84 4.42
C LEU A 184 -31.16 -4.15 5.42
N ASP A 185 -32.42 -4.60 5.42
CA ASP A 185 -33.39 -3.98 6.31
C ASP A 185 -33.19 -4.29 7.77
N GLU A 186 -32.70 -5.49 8.06
CA GLU A 186 -32.38 -5.89 9.44
C GLU A 186 -31.11 -5.17 9.92
N GLY A 187 -30.40 -4.51 9.01
CA GLY A 187 -29.26 -3.68 9.36
C GLY A 187 -27.86 -4.09 9.02
N GLU A 188 -27.76 -4.98 8.06
CA GLU A 188 -26.49 -5.46 7.58
C GLU A 188 -25.77 -4.35 6.80
N ILE A 189 -24.50 -4.12 7.14
CA ILE A 189 -23.64 -3.20 6.39
C ILE A 189 -23.12 -3.93 5.17
N SER A 190 -23.26 -3.32 4.01
CA SER A 190 -23.04 -4.03 2.75
C SER A 190 -22.65 -3.02 1.66
N THR A 191 -22.00 -3.50 0.60
CA THR A 191 -21.64 -2.59 -0.50
C THR A 191 -22.81 -2.43 -1.43
N ILE A 192 -23.77 -3.35 -1.30
CA ILE A 192 -24.99 -3.25 -2.07
C ILE A 192 -26.04 -2.36 -1.38
N ASP A 193 -26.69 -1.56 -2.20
CA ASP A 193 -27.74 -0.60 -1.82
C ASP A 193 -29.17 -1.10 -2.07
N LYS A 194 -30.12 -0.64 -1.27
CA LYS A 194 -31.50 -1.11 -1.45
C LYS A 194 -32.13 -0.79 -2.81
N VAL A 195 -31.74 0.33 -3.40
CA VAL A 195 -32.29 0.75 -4.69
C VAL A 195 -32.00 -0.23 -5.82
N SER A 196 -30.78 -0.76 -5.83
CA SER A 196 -30.41 -1.75 -6.83
C SER A 196 -31.27 -3.00 -6.66
N VAL A 197 -31.47 -3.40 -5.41
CA VAL A 197 -32.23 -4.60 -5.18
C VAL A 197 -33.69 -4.41 -5.56
N LEU A 198 -34.24 -3.25 -5.21
CA LEU A 198 -35.63 -2.99 -5.52
C LEU A 198 -35.80 -2.85 -7.02
N ASP A 199 -34.75 -2.37 -7.69
CA ASP A 199 -34.78 -2.27 -9.14
C ASP A 199 -35.01 -3.65 -9.74
N TYR A 200 -34.12 -4.58 -9.39
CA TYR A 200 -34.23 -5.94 -9.87
C TYR A 200 -35.49 -6.61 -9.35
N LEU A 201 -35.81 -6.38 -8.08
CA LEU A 201 -36.94 -7.02 -7.45
C LEU A 201 -38.29 -6.65 -8.04
N SER A 202 -38.46 -5.35 -8.23
CA SER A 202 -39.73 -4.87 -8.77
C SER A 202 -39.88 -5.47 -10.15
N TYR A 203 -38.76 -5.55 -10.86
CA TYR A 203 -38.76 -6.12 -12.19
C TYR A 203 -39.15 -7.59 -12.20
N ALA A 204 -38.56 -8.40 -11.34
CA ALA A 204 -38.89 -9.83 -11.34
C ALA A 204 -40.39 -10.01 -11.03
N VAL A 205 -40.89 -9.20 -10.11
CA VAL A 205 -42.30 -9.26 -9.70
C VAL A 205 -43.19 -8.91 -10.90
N TYR A 206 -42.74 -7.96 -11.74
CA TYR A 206 -43.44 -7.68 -12.98
C TYR A 206 -43.52 -8.78 -14.04
N GLN A 207 -42.41 -9.46 -14.30
CA GLN A 207 -42.44 -10.59 -15.21
C GLN A 207 -43.37 -11.64 -14.75
N GLN A 208 -43.43 -11.82 -13.45
CA GLN A 208 -44.31 -12.85 -12.91
C GLN A 208 -45.79 -12.49 -12.77
N GLY A 209 -46.17 -11.31 -13.25
CA GLY A 209 -47.55 -10.86 -13.30
C GLY A 209 -48.16 -10.41 -11.98
N ASP A 210 -47.35 -9.90 -11.05
CA ASP A 210 -47.91 -9.35 -9.82
C ASP A 210 -47.71 -7.86 -9.94
N LEU A 211 -48.74 -7.32 -10.57
CA LEU A 211 -48.79 -5.96 -10.96
C LEU A 211 -48.79 -5.13 -9.68
N ASP A 212 -49.65 -5.51 -8.74
CA ASP A 212 -49.77 -4.77 -7.47
C ASP A 212 -48.45 -4.72 -6.72
N LYS A 213 -47.79 -5.86 -6.62
CA LYS A 213 -46.54 -5.93 -5.88
C LYS A 213 -45.48 -5.12 -6.57
N ALA A 214 -45.46 -5.21 -7.90
CA ALA A 214 -44.47 -4.45 -8.66
C ALA A 214 -44.68 -2.95 -8.48
N LEU A 215 -45.94 -2.51 -8.47
CA LEU A 215 -46.24 -1.10 -8.28
C LEU A 215 -45.77 -0.65 -6.90
N LEU A 216 -46.14 -1.41 -5.88
CA LEU A 216 -45.71 -1.09 -4.53
C LEU A 216 -44.20 -0.99 -4.38
N LEU A 217 -43.47 -1.98 -4.91
CA LEU A 217 -42.03 -1.98 -4.76
C LEU A 217 -41.32 -0.85 -5.46
N THR A 218 -41.83 -0.49 -6.63
CA THR A 218 -41.28 0.62 -7.39
C THR A 218 -41.51 1.87 -6.55
N LYS A 219 -42.64 1.95 -5.84
CA LYS A 219 -42.87 3.11 -5.01
C LYS A 219 -41.87 3.17 -3.84
N LYS A 220 -41.48 2.01 -3.33
CA LYS A 220 -40.50 1.97 -2.24
C LYS A 220 -39.15 2.47 -2.77
N LEU A 221 -38.81 2.04 -3.98
CA LEU A 221 -37.58 2.49 -4.62
C LEU A 221 -37.55 4.02 -4.75
N LEU A 222 -38.61 4.58 -5.34
CA LEU A 222 -38.74 6.03 -5.53
C LEU A 222 -38.73 6.80 -4.19
N GLU A 223 -39.10 6.13 -3.11
CA GLU A 223 -39.02 6.73 -1.79
C GLU A 223 -37.57 7.00 -1.44
N LEU A 224 -36.71 6.11 -1.88
CA LEU A 224 -35.30 6.21 -1.60
C LEU A 224 -34.62 7.06 -2.68
N ASP A 225 -35.11 6.92 -3.90
CA ASP A 225 -34.55 7.61 -5.04
C ASP A 225 -35.63 8.19 -5.98
N PRO A 226 -36.16 9.36 -5.63
CA PRO A 226 -37.29 9.99 -6.34
C PRO A 226 -36.98 10.33 -7.78
N GLU A 227 -35.69 10.39 -8.13
CA GLU A 227 -35.31 10.76 -9.49
C GLU A 227 -34.80 9.54 -10.28
N HIS A 228 -34.94 8.36 -9.69
CA HIS A 228 -34.66 7.11 -10.40
C HIS A 228 -35.48 7.07 -11.66
N GLN A 229 -34.77 7.10 -12.77
CA GLN A 229 -35.36 7.25 -14.09
C GLN A 229 -36.26 6.10 -14.54
N ARG A 230 -35.79 4.87 -14.43
CA ARG A 230 -36.58 3.71 -14.82
C ARG A 230 -37.77 3.45 -13.89
N ALA A 231 -37.55 3.67 -12.60
CA ALA A 231 -38.58 3.48 -11.59
C ALA A 231 -39.72 4.46 -11.81
N ASN A 232 -39.38 5.68 -12.21
CA ASN A 232 -40.41 6.66 -12.54
C ASN A 232 -41.22 6.19 -13.78
N GLY A 233 -40.51 5.64 -14.77
CA GLY A 233 -41.15 5.09 -15.95
C GLY A 233 -42.00 3.87 -15.67
N ASN A 234 -41.50 3.01 -14.79
CA ASN A 234 -42.25 1.82 -14.40
C ASN A 234 -43.51 2.17 -13.64
N LEU A 235 -43.43 3.19 -12.79
CA LEU A 235 -44.57 3.65 -12.03
C LEU A 235 -45.74 4.08 -12.91
N LYS A 236 -45.47 4.96 -13.86
CA LYS A 236 -46.47 5.43 -14.83
C LYS A 236 -47.04 4.26 -15.64
N TYR A 237 -46.16 3.37 -16.07
CA TYR A 237 -46.54 2.20 -16.84
C TYR A 237 -47.47 1.27 -16.10
N PHE A 238 -47.07 0.90 -14.89
CA PHE A 238 -47.86 0.01 -14.05
C PHE A 238 -49.26 0.55 -13.83
N GLU A 239 -49.29 1.82 -13.46
CA GLU A 239 -50.53 2.50 -13.21
C GLU A 239 -51.41 2.48 -14.46
N TYR A 240 -50.80 2.61 -15.64
CA TYR A 240 -51.56 2.58 -16.90
C TYR A 240 -52.23 1.24 -17.23
N ILE A 241 -51.44 0.17 -17.23
CA ILE A 241 -51.98 -1.16 -17.50
C ILE A 241 -53.08 -1.50 -16.49
N MET A 242 -52.87 -1.20 -15.19
CA MET A 242 -53.91 -1.56 -14.22
C MET A 242 -55.22 -0.82 -14.43
N ALA A 243 -55.17 0.46 -14.78
CA ALA A 243 -56.39 1.17 -15.05
C ALA A 243 -57.12 0.61 -16.28
N LYS A 244 -56.37 -0.05 -17.15
CA LYS A 244 -56.84 -0.62 -18.41
C LYS A 244 -57.32 -2.05 -18.33
N GLU A 245 -57.06 -2.68 -17.19
CA GLU A 245 -57.44 -4.07 -17.00
C GLU A 245 -58.86 -4.08 -16.46
N LYS A 246 -59.62 -3.06 -16.86
CA LYS A 246 -60.86 -2.71 -16.21
C LYS A 246 -61.78 -1.95 -17.14
N SER B 14 23.06 32.96 0.54
CA SER B 14 21.98 33.91 0.78
C SER B 14 21.15 33.43 1.93
N ILE B 15 20.36 34.34 2.51
CA ILE B 15 19.43 33.96 3.58
C ILE B 15 17.94 34.01 3.22
N GLY B 16 17.46 35.12 2.66
CA GLY B 16 16.05 35.29 2.39
C GLY B 16 15.48 34.14 1.58
N GLN B 17 16.30 33.70 0.64
CA GLN B 17 16.06 32.53 -0.19
C GLN B 17 15.83 31.27 0.65
N MET B 18 16.66 31.11 1.67
CA MET B 18 16.59 30.00 2.58
C MET B 18 15.28 30.02 3.36
N THR B 19 14.85 31.18 3.82
CA THR B 19 13.63 31.28 4.61
C THR B 19 12.49 30.65 3.81
N ASP B 20 12.48 30.91 2.50
CA ASP B 20 11.47 30.31 1.64
C ASP B 20 11.66 28.80 1.55
N LEU B 21 12.92 28.35 1.49
CA LEU B 21 13.23 26.92 1.44
C LEU B 21 12.78 26.11 2.69
N ILE B 22 13.01 26.62 3.90
CA ILE B 22 12.55 25.93 5.10
C ILE B 22 11.04 25.86 5.08
N HIS B 23 10.43 26.93 4.57
CA HIS B 23 8.99 26.96 4.46
C HIS B 23 8.56 25.85 3.55
N THR B 24 9.25 25.73 2.43
CA THR B 24 9.04 24.65 1.51
C THR B 24 9.29 23.31 2.23
N GLU B 25 10.36 23.22 3.03
CA GLU B 25 10.62 21.92 3.64
C GLU B 25 9.57 21.48 4.68
N LYS B 26 9.13 22.40 5.53
CA LYS B 26 8.09 22.11 6.52
C LYS B 26 6.81 21.66 5.85
N ASP B 27 6.44 22.37 4.80
CA ASP B 27 5.23 22.07 4.05
C ASP B 27 5.38 20.72 3.35
N LEU B 28 6.61 20.39 2.99
CA LEU B 28 6.89 19.05 2.47
C LEU B 28 6.78 18.00 3.55
N VAL B 29 7.16 18.34 4.78
CA VAL B 29 6.96 17.37 5.85
C VAL B 29 5.50 17.08 6.12
N THR B 30 4.65 18.09 6.11
CA THR B 30 3.22 17.85 6.24
C THR B 30 2.67 16.98 5.10
N SER B 31 3.11 17.22 3.87
CA SER B 31 2.67 16.40 2.74
C SER B 31 3.16 14.99 2.92
N LEU B 32 4.36 14.91 3.46
CA LEU B 32 4.94 13.63 3.81
C LEU B 32 4.10 12.94 4.93
N LYS B 33 3.63 13.72 5.89
CA LYS B 33 2.72 13.22 6.91
C LYS B 33 1.41 12.67 6.34
N ASP B 34 0.86 13.36 5.34
CA ASP B 34 -0.33 12.91 4.63
C ASP B 34 -0.13 11.64 3.84
N TYR B 35 1.03 11.53 3.22
CA TYR B 35 1.38 10.31 2.52
C TYR B 35 1.44 9.14 3.48
N ILE B 36 2.11 9.35 4.62
CA ILE B 36 2.23 8.30 5.60
C ILE B 36 0.85 7.82 6.13
N LYS B 37 -0.02 8.77 6.44
CA LYS B 37 -1.35 8.46 6.95
C LYS B 37 -2.16 7.67 5.91
N ALA B 38 -2.05 8.08 4.65
CA ALA B 38 -2.78 7.43 3.56
C ALA B 38 -2.32 5.99 3.28
N GLU B 39 -1.01 5.77 3.36
CA GLU B 39 -0.44 4.44 3.14
C GLU B 39 -0.88 3.55 4.28
N GLU B 40 -0.86 4.11 5.49
CA GLU B 40 -1.28 3.37 6.68
C GLU B 40 -2.72 2.86 6.59
N ASP B 41 -3.62 3.70 6.08
CA ASP B 41 -5.02 3.33 5.93
C ASP B 41 -5.12 2.20 4.87
N LYS B 42 -4.38 2.35 3.77
CA LYS B 42 -4.39 1.34 2.75
C LYS B 42 -3.78 0.06 3.32
N LEU B 43 -2.69 0.21 4.05
CA LEU B 43 -2.10 -0.95 4.69
C LEU B 43 -3.02 -1.63 5.68
N GLU B 44 -3.75 -0.83 6.45
CA GLU B 44 -4.71 -1.39 7.39
C GLU B 44 -5.82 -2.15 6.66
N GLN B 45 -6.27 -1.63 5.51
CA GLN B 45 -7.34 -2.31 4.77
C GLN B 45 -6.85 -3.60 4.20
N ILE B 46 -5.63 -3.57 3.69
CA ILE B 46 -5.11 -4.77 3.11
C ILE B 46 -4.92 -5.82 4.22
N LYS B 47 -4.49 -5.41 5.40
CA LYS B 47 -4.33 -6.34 6.52
C LYS B 47 -5.63 -7.00 7.04
N LYS B 48 -6.72 -6.23 7.11
CA LYS B 48 -8.01 -6.76 7.59
C LYS B 48 -8.53 -7.86 6.64
N TRP B 49 -8.31 -7.62 5.36
CA TRP B 49 -8.71 -8.48 4.29
C TRP B 49 -7.84 -9.70 4.35
N ALA B 50 -6.56 -9.50 4.60
CA ALA B 50 -5.70 -10.67 4.72
C ALA B 50 -6.12 -11.57 5.91
N GLU B 51 -6.51 -10.96 7.03
CA GLU B 51 -6.88 -11.74 8.18
C GLU B 51 -8.13 -12.55 7.92
N LYS B 52 -9.10 -11.92 7.29
CA LYS B 52 -10.31 -12.65 6.96
C LYS B 52 -9.99 -13.84 6.05
N LEU B 53 -9.17 -13.62 5.02
CA LEU B 53 -8.85 -14.70 4.10
C LEU B 53 -8.04 -15.77 4.81
N ASP B 54 -7.18 -15.35 5.72
CA ASP B 54 -6.38 -16.27 6.53
C ASP B 54 -7.35 -17.16 7.34
N ARG B 55 -8.40 -16.58 7.96
CA ARG B 55 -9.34 -17.46 8.69
C ARG B 55 -10.08 -18.43 7.78
N LEU B 56 -10.59 -18.00 6.62
CA LEU B 56 -11.33 -18.93 5.78
C LEU B 56 -10.41 -19.98 5.26
N THR B 57 -9.20 -19.60 4.89
CA THR B 57 -8.32 -20.63 4.39
C THR B 57 -7.89 -21.57 5.53
N SER B 58 -7.67 -21.07 6.76
CA SER B 58 -7.42 -22.01 7.87
C SER B 58 -8.56 -22.99 8.21
N THR B 59 -9.78 -22.49 8.25
CA THR B 59 -10.97 -23.31 8.52
C THR B 59 -11.11 -24.37 7.43
N ALA B 60 -10.94 -23.91 6.20
CA ALA B 60 -11.02 -24.76 5.04
C ALA B 60 -9.93 -25.80 5.03
N THR B 61 -8.71 -25.42 5.39
CA THR B 61 -7.64 -26.37 5.29
C THR B 61 -7.82 -27.55 6.27
N LYS B 62 -8.49 -27.25 7.39
CA LYS B 62 -8.81 -28.19 8.44
C LYS B 62 -9.50 -29.42 7.85
N ASP B 63 -10.43 -29.17 6.92
CA ASP B 63 -11.17 -30.22 6.24
C ASP B 63 -11.61 -29.64 4.91
N PRO B 64 -10.72 -29.75 3.92
CA PRO B 64 -10.88 -29.17 2.59
C PRO B 64 -12.08 -29.63 1.79
N GLU B 65 -12.28 -30.94 1.70
CA GLU B 65 -13.37 -31.51 0.92
C GLU B 65 -14.76 -31.16 1.42
N GLY B 66 -14.97 -31.32 2.71
CA GLY B 66 -16.22 -30.94 3.32
C GLY B 66 -16.50 -29.47 3.09
N PHE B 67 -15.44 -28.68 3.24
CA PHE B 67 -15.53 -27.24 3.09
C PHE B 67 -16.06 -26.92 1.69
N VAL B 68 -15.35 -27.32 0.62
CA VAL B 68 -15.77 -26.84 -0.71
C VAL B 68 -17.04 -27.59 -1.09
N GLY B 69 -17.29 -28.63 -0.30
CA GLY B 69 -18.39 -29.56 -0.36
C GLY B 69 -19.65 -28.81 -0.02
N HIS B 70 -19.47 -27.63 0.56
CA HIS B 70 -20.64 -26.88 0.94
C HIS B 70 -20.99 -25.91 -0.21
N PRO B 71 -22.21 -26.05 -0.72
CA PRO B 71 -22.60 -25.25 -1.90
C PRO B 71 -22.46 -23.75 -1.70
N VAL B 72 -22.70 -23.29 -0.47
CA VAL B 72 -22.51 -21.90 -0.06
C VAL B 72 -21.00 -21.66 -0.08
N ASN B 73 -20.17 -22.56 0.46
CA ASN B 73 -18.74 -22.22 0.37
C ASN B 73 -18.24 -22.24 -1.10
N ALA B 74 -18.73 -23.14 -1.93
CA ALA B 74 -18.30 -23.15 -3.32
C ALA B 74 -18.59 -21.85 -4.07
N PHE B 75 -19.82 -21.36 -3.91
CA PHE B 75 -20.25 -20.14 -4.52
C PHE B 75 -19.36 -18.99 -3.99
N LYS B 76 -19.14 -19.01 -2.67
CA LYS B 76 -18.33 -17.98 -2.04
C LYS B 76 -16.90 -18.07 -2.61
N LEU B 77 -16.43 -19.29 -2.77
CA LEU B 77 -15.13 -19.52 -3.35
C LEU B 77 -14.96 -19.05 -4.78
N MET B 78 -15.91 -19.40 -5.63
CA MET B 78 -15.83 -18.98 -7.04
C MET B 78 -15.82 -17.46 -7.15
N LYS B 79 -16.70 -16.79 -6.41
CA LYS B 79 -16.77 -15.34 -6.40
C LYS B 79 -15.53 -14.61 -5.87
N ARG B 80 -14.96 -15.15 -4.81
CA ARG B 80 -13.81 -14.54 -4.20
C ARG B 80 -12.60 -14.56 -5.15
N LEU B 81 -12.39 -15.70 -5.78
CA LEU B 81 -11.30 -15.85 -6.73
C LEU B 81 -11.56 -15.01 -7.96
N ASN B 82 -12.78 -15.06 -8.46
CA ASN B 82 -13.09 -14.37 -9.69
C ASN B 82 -13.18 -12.85 -9.55
N THR B 83 -13.84 -12.42 -8.49
CA THR B 83 -14.13 -11.02 -8.35
C THR B 83 -13.28 -10.35 -7.26
N GLU B 84 -13.29 -10.92 -6.06
CA GLU B 84 -12.67 -10.30 -4.87
C GLU B 84 -11.15 -10.14 -4.86
N TRP B 85 -10.42 -11.16 -5.28
CA TRP B 85 -8.98 -11.05 -5.32
C TRP B 85 -8.54 -9.96 -6.28
N SER B 86 -9.35 -9.73 -7.30
CA SER B 86 -9.10 -8.64 -8.22
C SER B 86 -9.27 -7.29 -7.56
N GLU B 87 -10.28 -7.14 -6.71
CA GLU B 87 -10.44 -5.91 -5.98
C GLU B 87 -9.31 -5.68 -4.98
N LEU B 88 -8.84 -6.78 -4.38
CA LEU B 88 -7.70 -6.72 -3.47
C LEU B 88 -6.40 -6.32 -4.17
N GLU B 89 -6.15 -6.95 -5.32
CA GLU B 89 -5.00 -6.61 -6.15
C GLU B 89 -4.98 -5.14 -6.52
N ASN B 90 -6.14 -4.62 -6.93
CA ASN B 90 -6.20 -3.22 -7.32
C ASN B 90 -5.77 -2.33 -6.17
N LEU B 91 -6.18 -2.70 -4.95
CA LEU B 91 -5.80 -1.90 -3.80
C LEU B 91 -4.31 -2.03 -3.53
N VAL B 92 -3.81 -3.25 -3.65
CA VAL B 92 -2.40 -3.47 -3.46
C VAL B 92 -1.67 -2.60 -4.44
N LEU B 93 -2.21 -2.48 -5.65
CA LEU B 93 -1.52 -1.75 -6.72
C LEU B 93 -1.71 -0.24 -6.63
N LYS B 94 -2.64 0.21 -5.80
CA LYS B 94 -2.92 1.64 -5.76
C LYS B 94 -1.73 2.34 -5.13
N ASP B 95 -1.13 3.29 -5.82
CA ASP B 95 0.05 3.98 -5.30
C ASP B 95 -0.45 5.18 -4.46
N MET B 96 0.04 5.35 -3.24
CA MET B 96 -0.45 6.42 -2.36
C MET B 96 0.44 7.64 -2.37
N SER B 97 1.50 7.58 -3.16
CA SER B 97 2.53 8.57 -3.07
C SER B 97 2.38 9.60 -4.20
N ASP B 98 1.41 9.40 -5.09
CA ASP B 98 1.28 10.24 -6.29
C ASP B 98 1.14 11.71 -5.97
N GLY B 99 0.29 12.06 -5.01
CA GLY B 99 0.13 13.45 -4.66
C GLY B 99 1.41 14.10 -4.14
N PHE B 100 2.07 13.39 -3.22
CA PHE B 100 3.28 13.84 -2.57
C PHE B 100 4.44 13.91 -3.53
N ILE B 101 4.60 12.85 -4.31
CA ILE B 101 5.67 12.76 -5.30
C ILE B 101 5.58 13.81 -6.42
N SER B 102 4.36 14.07 -6.89
CA SER B 102 4.15 15.15 -7.86
C SER B 102 4.53 16.51 -7.24
N ASN B 103 4.08 16.75 -6.02
CA ASN B 103 4.44 17.95 -5.27
C ASN B 103 5.93 18.14 -5.03
N LEU B 104 6.59 17.07 -4.60
CA LEU B 104 8.03 17.13 -4.34
C LEU B 104 8.78 17.50 -5.60
N THR B 105 8.38 16.92 -6.72
CA THR B 105 8.95 17.24 -8.01
C THR B 105 8.76 18.73 -8.25
N ILE B 106 7.57 19.24 -7.96
CA ILE B 106 7.34 20.65 -8.22
C ILE B 106 8.19 21.50 -7.27
N GLN B 107 8.29 21.13 -6.01
CA GLN B 107 9.08 21.92 -5.07
C GLN B 107 10.59 21.88 -5.34
N ARG B 108 10.99 20.81 -6.01
CA ARG B 108 12.40 20.56 -6.32
C ARG B 108 13.13 21.56 -7.28
N GLN B 109 12.39 22.35 -8.05
CA GLN B 109 12.96 23.45 -8.83
C GLN B 109 13.80 24.45 -8.08
N TYR B 110 13.44 24.64 -6.83
CA TYR B 110 14.01 25.65 -5.96
C TYR B 110 14.90 25.00 -4.94
N PHE B 111 15.27 23.76 -5.19
CA PHE B 111 16.14 23.09 -4.24
C PHE B 111 17.53 23.51 -4.63
N PRO B 112 18.45 23.47 -3.67
CA PRO B 112 19.80 23.66 -4.14
C PRO B 112 20.22 22.36 -4.80
N ASN B 113 21.34 22.40 -5.49
CA ASN B 113 21.84 21.24 -6.19
C ASN B 113 23.23 20.88 -5.71
N ASP B 114 23.93 20.05 -6.46
CA ASP B 114 25.26 19.63 -6.04
C ASP B 114 26.22 20.81 -5.88
N GLU B 115 26.10 21.80 -6.74
CA GLU B 115 26.99 22.93 -6.63
C GLU B 115 26.74 23.80 -5.38
N ASP B 116 25.49 23.86 -4.93
CA ASP B 116 25.19 24.60 -3.71
C ASP B 116 25.73 23.90 -2.46
N GLN B 117 25.64 22.59 -2.47
CA GLN B 117 26.07 21.79 -1.34
C GLN B 117 27.59 21.90 -1.21
N VAL B 118 28.33 21.81 -2.30
CA VAL B 118 29.78 22.05 -2.17
C VAL B 118 30.07 23.49 -1.76
N GLY B 119 29.28 24.44 -2.26
CA GLY B 119 29.44 25.83 -1.86
C GLY B 119 29.34 26.03 -0.36
N ALA B 120 28.34 25.42 0.26
CA ALA B 120 28.19 25.55 1.70
C ALA B 120 29.27 24.76 2.44
N ALA B 121 29.67 23.62 1.88
CA ALA B 121 30.80 22.84 2.40
C ALA B 121 32.12 23.60 2.40
N LYS B 122 32.42 24.21 1.25
CA LYS B 122 33.65 24.99 1.10
C LYS B 122 33.65 26.20 2.04
N ALA B 123 32.46 26.78 2.22
CA ALA B 123 32.26 27.88 3.14
C ALA B 123 32.59 27.47 4.57
N LEU B 124 32.16 26.26 4.92
CA LEU B 124 32.41 25.66 6.23
C LEU B 124 33.93 25.56 6.43
N LEU B 125 34.66 25.05 5.44
CA LEU B 125 36.12 24.95 5.55
C LEU B 125 36.74 26.32 5.79
N ARG B 126 36.22 27.32 5.09
CA ARG B 126 36.64 28.69 5.25
C ARG B 126 36.37 29.21 6.67
N LEU B 127 35.19 28.91 7.19
CA LEU B 127 34.78 29.33 8.52
C LEU B 127 35.66 28.65 9.56
N GLN B 128 35.97 27.37 9.34
CA GLN B 128 36.85 26.65 10.25
C GLN B 128 38.17 27.39 10.29
N ASP B 129 38.60 27.77 9.09
CA ASP B 129 39.80 28.54 8.89
C ASP B 129 39.72 29.96 9.46
N THR B 130 38.61 30.67 9.22
CA THR B 130 38.51 32.09 9.66
C THR B 130 38.59 32.25 11.17
N TYR B 131 37.91 31.38 11.92
CA TYR B 131 37.88 31.55 13.37
C TYR B 131 38.73 30.48 14.04
N ASN B 132 39.53 29.76 13.26
CA ASN B 132 40.49 28.80 13.80
C ASN B 132 39.87 27.75 14.73
N LEU B 133 38.78 27.12 14.29
CA LEU B 133 38.12 26.15 15.16
C LEU B 133 38.80 24.84 14.90
N ASP B 134 39.08 24.12 15.98
CA ASP B 134 39.64 22.80 15.84
C ASP B 134 38.54 21.81 15.52
N THR B 135 38.94 20.68 14.94
CA THR B 135 37.99 19.68 14.48
C THR B 135 37.18 19.14 15.67
N ASP B 136 37.80 19.01 16.83
CA ASP B 136 37.02 18.56 17.97
C ASP B 136 35.92 19.58 18.31
N THR B 137 36.33 20.85 18.34
CA THR B 137 35.46 22.01 18.56
C THR B 137 34.27 22.23 17.61
N ILE B 138 34.50 22.06 16.31
CA ILE B 138 33.44 22.21 15.32
C ILE B 138 32.29 21.20 15.46
N SER B 139 32.60 19.92 15.63
CA SER B 139 31.54 18.91 15.63
C SER B 139 30.68 19.15 16.85
N LYS B 140 31.29 19.64 17.92
CA LYS B 140 30.54 19.96 19.10
C LYS B 140 30.53 21.49 19.30
N ALA B 154 29.37 12.34 11.26
CA ALA B 154 30.64 11.68 10.93
C ALA B 154 30.72 11.46 9.43
N GLU B 155 29.62 11.04 8.80
CA GLU B 155 29.56 10.85 7.32
C GLU B 155 29.79 12.25 6.75
N ASP B 156 29.25 13.23 7.46
CA ASP B 156 29.41 14.65 7.19
C ASP B 156 30.89 14.96 7.23
N CYS B 157 31.55 14.45 8.25
CA CYS B 157 32.97 14.66 8.48
C CYS B 157 33.74 14.05 7.30
N PHE B 158 33.30 12.86 6.90
CA PHE B 158 33.87 12.13 5.78
C PHE B 158 33.76 12.91 4.47
N GLU B 159 32.61 13.52 4.23
CA GLU B 159 32.42 14.33 3.04
C GLU B 159 33.39 15.50 2.98
N LEU B 160 33.58 16.15 4.11
CA LEU B 160 34.49 17.28 4.20
C LEU B 160 35.97 16.97 3.99
N GLY B 161 36.46 15.86 4.56
CA GLY B 161 37.85 15.50 4.33
C GLY B 161 38.12 15.29 2.85
N LYS B 162 37.13 14.69 2.20
CA LYS B 162 37.16 14.38 0.78
C LYS B 162 37.08 15.62 -0.09
N VAL B 163 36.29 16.62 0.29
CA VAL B 163 36.23 17.86 -0.49
C VAL B 163 37.59 18.55 -0.51
N ALA B 164 38.30 18.55 0.62
CA ALA B 164 39.62 19.15 0.69
C ALA B 164 40.60 18.34 -0.17
N TYR B 165 40.52 17.01 -0.06
CA TYR B 165 41.39 16.11 -0.79
C TYR B 165 41.25 16.40 -2.30
N THR B 166 40.01 16.54 -2.78
CA THR B 166 39.72 16.89 -4.18
C THR B 166 40.45 18.16 -4.63
N GLU B 167 40.65 19.06 -3.68
CA GLU B 167 41.28 20.35 -3.94
C GLU B 167 42.73 20.25 -3.51
N ALA B 168 43.21 19.02 -3.40
CA ALA B 168 44.56 18.70 -2.95
C ALA B 168 44.88 19.36 -1.61
N ASP B 169 43.86 19.58 -0.80
CA ASP B 169 44.03 20.18 0.53
C ASP B 169 44.34 19.08 1.55
N TYR B 170 45.56 18.56 1.49
CA TYR B 170 45.90 17.36 2.24
C TYR B 170 45.91 17.66 3.74
N TYR B 171 46.17 18.94 4.06
CA TYR B 171 46.03 19.47 5.41
C TYR B 171 44.65 19.26 6.06
N HIS B 172 43.60 19.66 5.35
CA HIS B 172 42.26 19.56 5.91
C HIS B 172 41.75 18.15 5.81
N THR B 173 42.26 17.42 4.81
CA THR B 173 41.97 16.00 4.70
C THR B 173 42.44 15.23 5.94
N GLU B 174 43.66 15.50 6.39
CA GLU B 174 44.22 14.82 7.56
C GLU B 174 43.35 15.12 8.79
N LEU B 175 43.11 16.41 9.01
CA LEU B 175 42.28 16.90 10.12
C LEU B 175 40.92 16.21 10.14
N TRP B 176 40.26 16.21 8.99
CA TRP B 176 38.92 15.68 8.86
C TRP B 176 38.77 14.16 8.92
N MET B 177 39.69 13.41 8.34
CA MET B 177 39.61 11.95 8.45
C MET B 177 39.85 11.52 9.91
N GLU B 178 40.81 12.19 10.57
CA GLU B 178 41.11 11.96 11.98
C GLU B 178 39.88 12.26 12.86
N GLN B 179 39.10 13.28 12.49
CA GLN B 179 37.88 13.68 13.21
C GLN B 179 36.73 12.68 13.05
N ALA B 180 36.56 12.17 11.84
CA ALA B 180 35.56 11.14 11.55
C ALA B 180 35.84 9.84 12.36
N LEU B 181 37.10 9.41 12.33
CA LEU B 181 37.56 8.23 13.05
C LEU B 181 37.33 8.39 14.56
N ARG B 182 37.59 9.60 15.05
CA ARG B 182 37.37 9.92 16.45
C ARG B 182 35.90 9.72 16.77
N GLN B 183 35.02 10.21 15.89
CA GLN B 183 33.57 10.05 16.06
C GLN B 183 33.08 8.61 15.91
N LEU B 184 33.71 7.87 14.99
CA LEU B 184 33.39 6.44 14.80
C LEU B 184 33.80 5.50 15.93
N ASP B 185 35.00 5.71 16.47
CA ASP B 185 35.53 4.93 17.59
C ASP B 185 34.69 5.12 18.84
N GLU B 186 34.13 6.32 18.94
CA GLU B 186 33.23 6.72 20.01
C GLU B 186 31.80 6.22 19.83
N GLY B 187 31.63 5.30 18.90
CA GLY B 187 30.34 4.68 18.71
C GLY B 187 29.29 5.64 18.19
N GLU B 188 29.54 6.17 17.01
CA GLU B 188 28.50 6.72 16.16
C GLU B 188 28.48 5.85 14.92
N ILE B 189 27.60 4.84 14.88
CA ILE B 189 27.44 4.00 13.70
C ILE B 189 27.09 4.86 12.47
N SER B 190 27.78 4.62 11.36
CA SER B 190 27.46 5.35 10.13
C SER B 190 27.59 4.52 8.86
N THR B 191 27.01 5.04 7.79
CA THR B 191 26.86 4.32 6.54
C THR B 191 28.21 4.25 5.85
N ILE B 192 29.08 5.18 6.20
CA ILE B 192 30.42 5.16 5.65
C ILE B 192 31.25 4.04 6.27
N ASP B 193 31.99 3.37 5.42
CA ASP B 193 32.86 2.31 5.85
C ASP B 193 34.12 3.02 6.26
N LYS B 194 34.60 2.66 7.44
CA LYS B 194 35.83 3.19 8.00
C LYS B 194 37.04 3.00 7.08
N VAL B 195 37.07 1.92 6.30
CA VAL B 195 38.21 1.62 5.43
C VAL B 195 38.38 2.73 4.41
N SER B 196 37.28 3.22 3.83
CA SER B 196 37.37 4.30 2.88
C SER B 196 38.00 5.49 3.60
N VAL B 197 37.61 5.74 4.85
CA VAL B 197 38.22 6.85 5.60
C VAL B 197 39.76 6.74 5.82
N LEU B 198 40.28 5.59 6.25
CA LEU B 198 41.73 5.46 6.51
C LEU B 198 42.69 5.49 5.28
N ASP B 199 42.24 5.00 4.12
CA ASP B 199 43.04 5.02 2.88
C ASP B 199 43.44 6.45 2.49
N TYR B 200 42.45 7.33 2.36
CA TYR B 200 42.70 8.74 2.04
C TYR B 200 43.55 9.31 3.19
N LEU B 201 43.27 9.00 4.45
CA LEU B 201 44.03 9.63 5.54
C LEU B 201 45.53 9.28 5.45
N SER B 202 45.84 8.05 5.08
CA SER B 202 47.24 7.60 4.97
C SER B 202 47.94 8.37 3.84
N TYR B 203 47.15 8.74 2.85
CA TYR B 203 47.56 9.57 1.71
C TYR B 203 47.78 11.00 2.25
N ALA B 204 46.84 11.42 3.10
CA ALA B 204 46.77 12.74 3.73
C ALA B 204 48.02 13.04 4.54
N VAL B 205 48.48 12.05 5.31
CA VAL B 205 49.65 12.21 6.15
C VAL B 205 50.73 12.57 5.14
N TYR B 206 50.77 11.87 4.03
CA TYR B 206 51.76 12.16 3.00
C TYR B 206 51.55 13.54 2.37
N LEU B 211 56.21 9.35 6.67
CA LEU B 211 56.07 7.89 6.71
C LEU B 211 55.55 7.34 8.04
N ASP B 212 56.05 7.82 9.16
CA ASP B 212 55.61 7.27 10.45
C ASP B 212 54.11 7.33 10.71
N LYS B 213 53.44 8.45 10.45
CA LYS B 213 52.01 8.46 10.75
C LYS B 213 51.30 7.66 9.67
N ALA B 214 51.78 7.82 8.43
CA ALA B 214 51.31 7.07 7.28
C ALA B 214 51.49 5.57 7.40
N LEU B 215 52.66 5.15 7.88
CA LEU B 215 52.95 3.74 8.03
C LEU B 215 52.01 3.17 9.09
N LEU B 216 51.87 3.92 10.19
CA LEU B 216 51.00 3.52 11.28
C LEU B 216 49.53 3.39 10.90
N LEU B 217 49.00 4.38 10.18
CA LEU B 217 47.60 4.36 9.78
C LEU B 217 47.32 3.25 8.74
N THR B 218 48.28 3.02 7.85
CA THR B 218 48.21 1.98 6.83
C THR B 218 48.17 0.61 7.48
N LYS B 219 49.01 0.42 8.49
CA LYS B 219 49.04 -0.81 9.26
C LYS B 219 47.71 -0.96 9.99
N LYS B 220 47.17 0.17 10.42
CA LYS B 220 45.88 0.20 11.11
C LYS B 220 44.76 -0.18 10.15
N LEU B 221 44.85 0.27 8.90
CA LEU B 221 43.83 -0.06 7.92
C LEU B 221 43.77 -1.56 7.65
N LEU B 222 44.94 -2.14 7.39
CA LEU B 222 45.08 -3.57 7.08
C LEU B 222 44.72 -4.58 8.21
N GLU B 223 44.85 -4.22 9.48
CA GLU B 223 44.42 -5.15 10.54
C GLU B 223 42.92 -5.42 10.56
N LEU B 224 42.12 -4.37 10.35
CA LEU B 224 40.67 -4.50 10.29
C LEU B 224 40.21 -5.10 8.96
N ASP B 225 40.88 -4.75 7.86
CA ASP B 225 40.39 -5.21 6.55
C ASP B 225 41.55 -5.49 5.58
N PRO B 226 42.06 -6.75 5.64
CA PRO B 226 43.17 -7.42 4.97
C PRO B 226 42.97 -7.48 3.46
N GLU B 227 41.72 -7.31 3.02
CA GLU B 227 41.40 -7.45 1.61
C GLU B 227 41.54 -6.19 0.79
N HIS B 228 42.11 -5.16 1.40
CA HIS B 228 42.35 -3.95 0.62
C HIS B 228 43.64 -4.02 -0.16
N GLN B 229 43.50 -3.97 -1.47
CA GLN B 229 44.62 -4.07 -2.38
C GLN B 229 45.58 -2.92 -2.15
N ARG B 230 45.15 -1.70 -2.48
CA ARG B 230 46.03 -0.53 -2.41
C ARG B 230 46.54 -0.23 -1.00
N ALA B 231 45.97 -0.89 0.00
CA ALA B 231 46.50 -0.77 1.34
C ALA B 231 47.76 -1.63 1.50
N ASN B 232 47.71 -2.86 1.00
CA ASN B 232 48.83 -3.79 1.12
C ASN B 232 50.11 -3.40 0.40
N GLY B 233 49.97 -2.96 -0.84
CA GLY B 233 51.10 -2.76 -1.74
C GLY B 233 51.87 -1.52 -1.36
N ASN B 234 51.13 -0.56 -0.82
CA ASN B 234 51.70 0.68 -0.33
C ASN B 234 52.45 0.35 0.96
N LEU B 235 51.83 -0.33 1.93
CA LEU B 235 52.54 -0.65 3.17
C LEU B 235 53.88 -1.34 2.84
N LYS B 236 53.85 -2.23 1.84
CA LYS B 236 55.04 -2.89 1.31
C LYS B 236 56.02 -1.89 0.70
N TYR B 237 55.47 -0.91 0.00
CA TYR B 237 56.23 0.20 -0.56
C TYR B 237 56.82 1.11 0.53
N PHE B 238 56.06 1.36 1.60
CA PHE B 238 56.50 2.19 2.73
C PHE B 238 57.70 1.59 3.44
N GLU B 239 57.69 0.27 3.56
CA GLU B 239 58.74 -0.48 4.21
C GLU B 239 60.12 -0.32 3.57
N TYR B 240 60.22 -0.51 2.26
CA TYR B 240 61.50 -0.34 1.58
C TYR B 240 62.13 1.04 1.77
N ILE B 241 61.35 2.11 1.69
CA ILE B 241 61.92 3.43 1.91
C ILE B 241 62.30 3.44 3.40
N PRO C 1 -49.56 6.80 -24.45
CA PRO C 1 -49.40 5.58 -23.65
C PRO C 1 -47.96 5.27 -23.29
N PRO C 2 -47.73 4.88 -22.02
CA PRO C 2 -46.41 4.65 -21.39
C PRO C 2 -45.70 3.48 -22.04
N GLY C 3 -44.40 3.37 -21.83
CA GLY C 3 -43.67 2.27 -22.40
C GLY C 3 -43.31 1.30 -21.32
N PRO C 4 -43.14 0.04 -21.72
CA PRO C 4 -42.81 -1.12 -20.87
C PRO C 4 -41.46 -1.05 -20.18
N PRO C 5 -41.35 -1.71 -19.02
CA PRO C 5 -40.15 -1.70 -18.18
C PRO C 5 -38.91 -2.15 -18.93
N GLY C 6 -37.79 -1.47 -18.76
CA GLY C 6 -36.57 -2.00 -19.35
C GLY C 6 -35.89 -2.91 -18.35
N PRO C 7 -34.83 -3.61 -18.80
CA PRO C 7 -34.05 -4.47 -17.91
C PRO C 7 -33.43 -3.66 -16.77
N PRO C 8 -33.35 -4.24 -15.57
CA PRO C 8 -32.72 -3.51 -14.46
C PRO C 8 -31.17 -3.49 -14.37
N GLY C 9 -30.32 -4.19 -15.14
CA GLY C 9 -30.64 -5.22 -16.14
C GLY C 9 -29.57 -5.50 -17.22
#